data_3IV0
#
_entry.id   3IV0
#
_cell.length_a   50.650
_cell.length_b   74.370
_cell.length_c   67.375
_cell.angle_alpha   90.000
_cell.angle_beta   111.640
_cell.angle_gamma   90.000
#
_symmetry.space_group_name_H-M   'P 1 21 1'
#
loop_
_entity.id
_entity.type
_entity.pdbx_description
1 polymer 'SusD homolog'
2 non-polymer 'CHLORIDE ION'
3 non-polymer 1,2-ETHANEDIOL
4 water water
#
_entity_poly.entity_id   1
_entity_poly.type   'polypeptide(L)'
_entity_poly.pdbx_seq_one_letter_code
;GNKSEDKLSGDDFWAQGNETNAEAFLLSIYNSFRNAT(MSE)SQRPFLTYSGD(MSE)RCAPITAYSTGDKYVAYLANND
(MSE)GELRNTYPDDARGGLI(MSE)QWDVFYTAIQDANILLAEIDKVPG(MSE)DELKRSRFKAEAIF(MSE)RSLSYF
FIVRAFGDVPYYTNAYNEAPLPRTN(MSE)VIVLQN(CSO)LADLQPLLDDDPGAEVLPWSYSSYSSKGIRASRGSVIAL
(MSE)(MSE)HINLWLVQFDAQNKEQYYRNVVSLGEELERNNGAYSLLDINRSSVIFAGGSDEGLFEIAQNINFNEIF
(MSE)(MSE)NAKFSDNVSYSCLNKS(MSE)PLFCYSGDYL(MSE)TLFP(MSE)YEDDARKELWFDEKIYSTSVSSSAP
KEIKKFWNIDTYGNGTITSNSGNQIVFRYAGALLLYAEALAALGTNDTKACELLNRVRNRAHASEINTSGSEL(MSE)DA
IFWERCRELIGEGHYYYDLVRTGKVYNRNYC(MSE)NP(MSE)TRTNFNVGAWTWPIHRNALKNNTQIGLNLFWE
;
_entity_poly.pdbx_strand_id   A
#
loop_
_chem_comp.id
_chem_comp.type
_chem_comp.name
_chem_comp.formula
CL non-polymer 'CHLORIDE ION' 'Cl -1'
EDO non-polymer 1,2-ETHANEDIOL 'C2 H6 O2'
#
# COMPACT_ATOMS: atom_id res chain seq x y z
N ASP A 12 -10.84 4.99 33.99
CA ASP A 12 -11.82 3.90 34.30
C ASP A 12 -11.71 2.71 33.34
N PHE A 13 -11.83 2.98 32.04
CA PHE A 13 -11.71 1.92 31.05
C PHE A 13 -10.38 1.15 31.19
N TRP A 14 -9.31 1.87 31.50
CA TRP A 14 -7.98 1.30 31.64
C TRP A 14 -7.67 0.88 33.07
N ALA A 15 -7.77 1.82 34.01
CA ALA A 15 -7.41 1.57 35.42
C ALA A 15 -8.26 0.47 36.05
N GLN A 16 -9.50 0.33 35.58
CA GLN A 16 -10.34 -0.77 36.02
C GLN A 16 -10.63 -1.76 34.89
N GLY A 17 -9.73 -1.85 33.92
CA GLY A 17 -9.92 -2.74 32.78
C GLY A 17 -9.12 -4.02 32.86
N ASN A 18 -8.85 -4.61 31.71
CA ASN A 18 -8.24 -5.93 31.63
C ASN A 18 -7.72 -6.13 30.21
N GLU A 19 -6.98 -7.21 29.98
CA GLU A 19 -6.41 -7.52 28.67
C GLU A 19 -7.45 -7.50 27.55
N THR A 20 -8.60 -8.06 27.81
CA THR A 20 -9.64 -8.17 26.78
C THR A 20 -10.09 -6.80 26.30
N ASN A 21 -10.30 -5.87 27.22
CA ASN A 21 -10.73 -4.54 26.85
C ASN A 21 -9.59 -3.75 26.19
N ALA A 22 -8.38 -3.94 26.66
CA ALA A 22 -7.24 -3.31 26.03
C ALA A 22 -7.08 -3.81 24.59
N GLU A 23 -7.28 -5.11 24.36
CA GLU A 23 -7.20 -5.65 23.02
C GLU A 23 -8.31 -5.12 22.13
N ALA A 24 -9.55 -4.99 22.64
CA ALA A 24 -10.62 -4.38 21.87
C ALA A 24 -10.28 -2.96 21.47
N PHE A 25 -9.66 -2.21 22.38
CA PHE A 25 -9.26 -0.87 22.06
C PHE A 25 -8.21 -0.88 20.95
N LEU A 26 -7.20 -1.73 21.07
CA LEU A 26 -6.21 -1.90 19.99
C LEU A 26 -6.89 -2.23 18.68
N LEU A 27 -7.85 -3.13 18.69
CA LEU A 27 -8.48 -3.49 17.45
C LEU A 27 -9.27 -2.33 16.83
N SER A 28 -9.74 -1.37 17.64
CA SER A 28 -10.42 -0.21 17.11
C SER A 28 -9.44 0.68 16.33
N ILE A 29 -8.14 0.59 16.65
CA ILE A 29 -7.10 1.35 15.90
C ILE A 29 -7.00 0.73 14.52
N TYR A 30 -6.86 -0.58 14.42
CA TYR A 30 -6.88 -1.28 13.15
C TYR A 30 -8.16 -0.99 12.38
N ASN A 31 -9.30 -0.94 13.07
CA ASN A 31 -10.56 -0.61 12.40
C ASN A 31 -10.55 0.77 11.76
N SER A 32 -10.05 1.75 12.49
CA SER A 32 -9.96 3.09 11.94
C SER A 32 -9.03 3.15 10.73
N PHE A 33 -7.90 2.44 10.77
CA PHE A 33 -7.01 2.43 9.61
C PHE A 33 -7.74 1.78 8.43
N ARG A 34 -8.47 0.72 8.66
CA ARG A 34 -9.26 0.08 7.62
C ARG A 34 -10.29 1.06 7.06
N ASN A 35 -10.99 1.78 7.93
CA ASN A 35 -11.95 2.77 7.46
C ASN A 35 -11.32 3.84 6.59
N ALA A 36 -10.14 4.31 6.98
CA ALA A 36 -9.45 5.38 6.25
C ALA A 36 -8.99 4.94 4.88
N THR A 37 -8.67 3.68 4.71
CA THR A 37 -8.03 3.19 3.49
C THR A 37 -8.94 2.47 2.53
N MSE A 38 -9.94 1.74 3.06
CA MSE A 38 -10.78 0.77 2.34
C MSE A 38 -12.27 0.83 2.56
O MSE A 38 -13.01 0.49 1.65
CB MSE A 38 -10.32 -0.67 2.65
CG MSE A 38 -8.84 -1.01 2.34
SE MSE A 38 -8.38 -0.89 0.46
CE MSE A 38 -9.57 -2.26 -0.19
N SER A 39 -12.70 1.09 3.79
CA SER A 39 -14.09 0.85 4.15
C SER A 39 -14.96 2.07 4.16
N GLN A 40 -14.39 3.25 4.42
CA GLN A 40 -15.16 4.49 4.38
C GLN A 40 -14.73 5.39 3.23
N ARG A 41 -13.56 5.11 2.64
N ARG A 41 -13.65 5.06 2.53
CA ARG A 41 -12.96 5.85 1.49
CA ARG A 41 -13.28 5.81 1.32
C ARG A 41 -12.23 4.86 0.61
C ARG A 41 -12.26 4.98 0.62
N PRO A 42 -12.25 5.04 -0.72
CA PRO A 42 -11.36 4.27 -1.59
C PRO A 42 -9.96 4.89 -1.69
N PHE A 43 -9.43 5.24 -0.54
CA PHE A 43 -8.16 5.97 -0.47
C PHE A 43 -7.01 5.23 -1.10
N LEU A 44 -6.81 3.98 -0.72
CA LEU A 44 -5.62 3.26 -1.19
C LEU A 44 -5.63 3.04 -2.68
N THR A 45 -6.75 2.66 -3.26
CA THR A 45 -6.71 2.36 -4.68
C THR A 45 -6.72 3.64 -5.52
N TYR A 46 -7.44 4.68 -5.10
CA TYR A 46 -7.41 5.93 -5.87
C TYR A 46 -6.01 6.49 -5.85
N SER A 47 -5.43 6.54 -4.65
CA SER A 47 -4.15 7.20 -4.47
C SER A 47 -2.93 6.41 -4.91
N GLY A 48 -3.01 5.10 -4.89
CA GLY A 48 -1.88 4.24 -5.18
C GLY A 48 -1.95 3.49 -6.49
N ASP A 49 -3.13 3.06 -6.91
CA ASP A 49 -3.24 2.35 -8.20
C ASP A 49 -3.57 3.30 -9.36
N MSE A 50 -4.52 4.20 -9.18
CA MSE A 50 -5.17 4.90 -10.29
C MSE A 50 -4.47 6.19 -10.71
O MSE A 50 -4.49 6.57 -11.89
CB MSE A 50 -6.63 5.16 -9.90
CG MSE A 50 -7.47 3.87 -9.73
SE MSE A 50 -9.23 4.27 -9.13
CE MSE A 50 -9.98 4.96 -10.77
N ARG A 51 -3.88 6.89 -9.76
CA ARG A 51 -3.33 8.19 -10.01
C ARG A 51 -2.13 8.11 -10.94
N CYS A 52 -2.15 8.89 -12.02
CA CYS A 52 -1.12 8.87 -13.07
C CYS A 52 -0.98 7.52 -13.76
N ALA A 53 -1.97 6.63 -13.62
CA ALA A 53 -1.99 5.36 -14.31
C ALA A 53 -2.61 5.54 -15.72
N PRO A 54 -2.11 4.77 -16.69
CA PRO A 54 -2.64 4.83 -18.07
C PRO A 54 -3.94 4.04 -18.20
N ILE A 55 -4.99 4.60 -17.57
CA ILE A 55 -6.28 3.97 -17.47
C ILE A 55 -7.34 4.86 -18.10
N THR A 56 -8.39 4.19 -18.57
CA THR A 56 -9.52 4.86 -19.19
C THR A 56 -10.82 4.25 -18.71
N ALA A 57 -11.79 5.08 -18.35
CA ALA A 57 -13.13 4.63 -17.95
C ALA A 57 -13.92 4.14 -19.14
N TYR A 58 -14.69 3.09 -18.94
CA TYR A 58 -15.62 2.65 -19.98
C TYR A 58 -16.82 3.60 -20.08
N SER A 59 -17.14 4.33 -19.01
N SER A 59 -17.18 4.28 -18.99
CA SER A 59 -18.22 5.30 -19.00
CA SER A 59 -18.14 5.35 -19.03
C SER A 59 -17.67 6.69 -18.61
C SER A 59 -17.48 6.65 -18.67
N THR A 60 -17.58 7.63 -19.56
CA THR A 60 -16.95 8.92 -19.30
C THR A 60 -17.61 9.68 -18.15
N GLY A 61 -18.86 9.34 -17.83
CA GLY A 61 -19.53 9.88 -16.65
C GLY A 61 -18.84 9.61 -15.30
N ASP A 62 -17.99 8.57 -15.26
CA ASP A 62 -17.15 8.26 -14.06
C ASP A 62 -15.91 9.14 -14.12
N LYS A 63 -16.12 10.41 -13.85
CA LYS A 63 -15.17 11.45 -14.20
C LYS A 63 -13.87 11.33 -13.42
N TYR A 64 -13.96 10.77 -12.21
CA TYR A 64 -12.79 10.65 -11.35
C TYR A 64 -11.69 9.78 -11.95
N VAL A 65 -12.03 8.85 -12.84
CA VAL A 65 -11.01 8.02 -13.46
C VAL A 65 -10.02 8.87 -14.24
N ALA A 66 -10.53 9.67 -15.18
CA ALA A 66 -9.66 10.59 -15.93
C ALA A 66 -8.97 11.59 -15.05
N TYR A 67 -9.68 12.18 -14.08
CA TYR A 67 -9.01 13.12 -13.19
C TYR A 67 -7.79 12.47 -12.52
N LEU A 68 -7.95 11.27 -12.00
CA LEU A 68 -6.80 10.59 -11.39
C LEU A 68 -5.72 10.31 -12.40
N ALA A 69 -6.10 9.79 -13.55
CA ALA A 69 -5.13 9.46 -14.60
C ALA A 69 -4.27 10.65 -14.99
N ASN A 70 -4.90 11.81 -14.99
CA ASN A 70 -4.30 13.05 -15.45
C ASN A 70 -3.76 13.94 -14.36
N ASN A 71 -3.81 13.47 -13.10
CA ASN A 71 -3.40 14.29 -11.98
C ASN A 71 -4.14 15.62 -11.89
N ASP A 72 -5.40 15.61 -12.31
CA ASP A 72 -6.26 16.79 -12.26
C ASP A 72 -6.98 16.81 -10.93
N MSE A 73 -6.21 16.99 -9.86
CA MSE A 73 -6.75 16.77 -8.54
C MSE A 73 -7.63 17.93 -8.14
O MSE A 73 -8.55 17.78 -7.30
CB MSE A 73 -5.62 16.50 -7.51
CG MSE A 73 -4.63 15.49 -7.91
SE MSE A 73 -5.52 13.74 -8.24
CE MSE A 73 -5.70 13.21 -6.38
N GLY A 74 -7.40 19.11 -8.71
CA GLY A 74 -8.27 20.24 -8.44
C GLY A 74 -9.65 20.03 -9.04
N GLU A 75 -9.72 19.43 -10.22
CA GLU A 75 -11.02 19.19 -10.84
C GLU A 75 -11.71 18.04 -10.10
N LEU A 76 -10.95 17.06 -9.63
CA LEU A 76 -11.51 16.02 -8.77
C LEU A 76 -12.20 16.66 -7.53
N ARG A 77 -11.52 17.55 -6.83
N ARG A 77 -11.53 17.61 -6.90
CA ARG A 77 -12.09 18.19 -5.64
CA ARG A 77 -12.09 18.35 -5.80
C ARG A 77 -13.29 19.07 -6.03
C ARG A 77 -13.40 19.03 -6.21
N ASN A 78 -13.28 19.54 -7.27
N ASN A 78 -13.33 19.96 -7.18
CA ASN A 78 -14.31 20.47 -7.71
CA ASN A 78 -14.52 20.68 -7.61
C ASN A 78 -15.61 19.73 -7.92
C ASN A 78 -15.70 19.76 -7.99
N THR A 79 -15.46 18.60 -8.60
CA THR A 79 -16.55 17.73 -9.06
C THR A 79 -17.12 16.89 -7.91
N TYR A 80 -16.29 16.52 -6.95
CA TYR A 80 -16.69 15.66 -5.83
C TYR A 80 -16.22 16.27 -4.51
N PRO A 81 -16.77 17.42 -4.13
CA PRO A 81 -16.14 18.16 -3.04
C PRO A 81 -16.10 17.53 -1.66
N ASP A 82 -17.11 16.72 -1.34
CA ASP A 82 -17.27 16.23 0.03
C ASP A 82 -17.35 14.71 0.17
N ASP A 83 -17.53 14.00 -0.94
CA ASP A 83 -17.92 12.59 -0.89
C ASP A 83 -16.79 11.62 -1.24
N ALA A 84 -17.11 10.34 -1.33
CA ALA A 84 -16.09 9.30 -1.40
C ALA A 84 -15.40 9.16 -2.74
N ARG A 85 -15.75 10.01 -3.72
CA ARG A 85 -15.03 10.06 -4.98
C ARG A 85 -13.98 11.15 -5.00
N GLY A 86 -13.88 11.93 -3.95
CA GLY A 86 -12.82 12.95 -3.93
C GLY A 86 -12.60 13.56 -2.58
N GLY A 87 -13.53 14.40 -2.14
CA GLY A 87 -13.33 15.13 -0.90
C GLY A 87 -13.03 14.35 0.35
N LEU A 88 -13.70 13.23 0.55
CA LEU A 88 -13.40 12.43 1.72
C LEU A 88 -11.97 11.95 1.72
N ILE A 89 -11.46 11.60 0.55
CA ILE A 89 -10.11 11.09 0.46
C ILE A 89 -9.10 12.20 0.81
N MSE A 90 -9.56 13.44 0.66
CA MSE A 90 -8.74 14.61 0.98
C MSE A 90 -8.78 15.02 2.44
O MSE A 90 -8.26 16.07 2.81
CB MSE A 90 -9.21 15.79 0.14
CG MSE A 90 -8.99 15.56 -1.33
SE MSE A 90 -9.97 16.76 -2.52
CE MSE A 90 -9.65 15.74 -4.18
N GLN A 91 -9.42 14.19 3.25
CA GLN A 91 -9.54 14.40 4.69
C GLN A 91 -8.77 13.38 5.46
N TRP A 92 -7.84 13.86 6.27
CA TRP A 92 -7.01 12.99 7.08
C TRP A 92 -7.61 12.61 8.42
N ASP A 93 -8.86 13.01 8.65
CA ASP A 93 -9.52 12.79 9.95
C ASP A 93 -9.53 11.36 10.43
N VAL A 94 -9.83 10.39 9.57
CA VAL A 94 -9.94 9.02 10.05
C VAL A 94 -8.58 8.45 10.38
N PHE A 95 -7.55 8.77 9.61
CA PHE A 95 -6.19 8.38 10.01
C PHE A 95 -5.84 9.00 11.36
N TYR A 96 -6.20 10.27 11.59
CA TYR A 96 -5.90 10.84 12.92
C TYR A 96 -6.71 10.20 14.06
N THR A 97 -7.87 9.65 13.77
CA THR A 97 -8.59 8.87 14.79
C THR A 97 -7.71 7.68 15.21
N ALA A 98 -7.14 6.95 14.26
CA ALA A 98 -6.21 5.87 14.54
C ALA A 98 -5.02 6.36 15.34
N ILE A 99 -4.42 7.44 14.88
CA ILE A 99 -3.23 8.00 15.54
C ILE A 99 -3.53 8.40 16.98
N GLN A 100 -4.64 9.10 17.18
N GLN A 100 -4.65 9.09 17.17
CA GLN A 100 -4.98 9.56 18.53
CA GLN A 100 -5.07 9.52 18.49
C GLN A 100 -5.33 8.38 19.44
C GLN A 100 -5.28 8.36 19.41
N ASP A 101 -6.00 7.35 18.94
CA ASP A 101 -6.25 6.16 19.74
C ASP A 101 -4.97 5.42 20.07
N ALA A 102 -4.02 5.35 19.14
CA ALA A 102 -2.71 4.79 19.46
C ALA A 102 -2.06 5.57 20.58
N ASN A 103 -2.10 6.89 20.47
CA ASN A 103 -1.52 7.75 21.51
C ASN A 103 -2.16 7.45 22.87
N ILE A 104 -3.49 7.30 22.89
CA ILE A 104 -4.20 6.97 24.11
C ILE A 104 -3.77 5.64 24.67
N LEU A 105 -3.77 4.60 23.86
CA LEU A 105 -3.36 3.29 24.35
C LEU A 105 -1.96 3.37 24.94
N LEU A 106 -1.05 4.04 24.27
CA LEU A 106 0.33 4.07 24.76
C LEU A 106 0.40 4.83 26.11
N ALA A 107 -0.44 5.83 26.29
CA ALA A 107 -0.46 6.64 27.52
C ALA A 107 -1.16 5.93 28.66
N GLU A 108 -2.11 5.01 28.38
CA GLU A 108 -2.99 4.49 29.42
C GLU A 108 -2.81 3.01 29.72
N ILE A 109 -2.27 2.22 28.82
CA ILE A 109 -2.28 0.76 28.98
C ILE A 109 -1.50 0.26 30.22
N ASP A 110 -0.49 1.00 30.67
CA ASP A 110 0.26 0.61 31.88
C ASP A 110 -0.62 0.61 33.12
N LYS A 111 -1.76 1.30 33.05
CA LYS A 111 -2.73 1.32 34.16
C LYS A 111 -3.56 0.06 34.31
N VAL A 112 -3.64 -0.78 33.29
CA VAL A 112 -4.44 -2.00 33.35
C VAL A 112 -3.87 -2.97 34.40
N PRO A 113 -4.67 -3.25 35.44
CA PRO A 113 -4.17 -4.04 36.56
C PRO A 113 -3.87 -5.51 36.25
N GLY A 114 -2.61 -5.87 36.45
CA GLY A 114 -2.16 -7.27 36.40
C GLY A 114 -2.29 -8.03 35.10
N MSE A 115 -2.37 -7.34 33.97
CA MSE A 115 -2.48 -8.09 32.72
C MSE A 115 -1.13 -8.69 32.36
O MSE A 115 -0.08 -8.29 32.87
CB MSE A 115 -3.06 -7.27 31.57
CG MSE A 115 -2.16 -6.21 31.04
SE MSE A 115 -2.74 -5.14 29.47
CE MSE A 115 -2.40 -6.29 28.15
N ASP A 116 -1.19 -9.67 31.47
CA ASP A 116 -0.01 -10.35 30.97
C ASP A 116 0.98 -9.32 30.40
N GLU A 117 2.22 -9.33 30.86
CA GLU A 117 3.17 -8.32 30.44
C GLU A 117 3.65 -8.51 29.01
N LEU A 118 3.68 -9.75 28.51
CA LEU A 118 4.03 -9.97 27.11
C LEU A 118 2.94 -9.36 26.25
N LYS A 119 1.68 -9.58 26.60
CA LYS A 119 0.59 -8.98 25.83
C LYS A 119 0.63 -7.46 25.93
N ARG A 120 0.92 -6.92 27.11
CA ARG A 120 1.00 -5.46 27.25
C ARG A 120 2.06 -4.90 26.32
N SER A 121 3.23 -5.52 26.27
CA SER A 121 4.30 -5.10 25.39
C SER A 121 3.91 -5.26 23.92
N ARG A 122 3.23 -6.34 23.59
CA ARG A 122 2.80 -6.56 22.21
C ARG A 122 1.81 -5.49 21.78
N PHE A 123 0.83 -5.15 22.59
CA PHE A 123 -0.19 -4.19 22.20
C PHE A 123 0.44 -2.82 22.02
N LYS A 124 1.42 -2.50 22.86
CA LYS A 124 2.14 -1.25 22.70
C LYS A 124 2.85 -1.28 21.36
N ALA A 125 3.55 -2.36 21.04
CA ALA A 125 4.29 -2.47 19.77
C ALA A 125 3.36 -2.34 18.59
N GLU A 126 2.19 -2.98 18.65
CA GLU A 126 1.22 -2.87 17.59
C GLU A 126 0.68 -1.47 17.43
N ALA A 127 0.45 -0.78 18.54
CA ALA A 127 -0.03 0.59 18.48
C ALA A 127 1.03 1.51 17.89
N ILE A 128 2.29 1.32 18.26
CA ILE A 128 3.36 2.13 17.66
C ILE A 128 3.44 1.84 16.16
N PHE A 129 3.34 0.58 15.76
CA PHE A 129 3.32 0.24 14.35
C PHE A 129 2.17 0.93 13.62
N MSE A 130 0.97 0.87 14.14
CA MSE A 130 -0.17 1.40 13.48
C MSE A 130 -0.15 2.89 13.44
O MSE A 130 -0.59 3.49 12.45
CB MSE A 130 -1.46 0.87 14.12
CG MSE A 130 -1.66 -0.61 13.80
SE MSE A 130 -1.66 -1.13 11.95
CE MSE A 130 -3.18 -0.22 11.42
N ARG A 131 0.38 3.52 14.47
CA ARG A 131 0.56 4.97 14.42
C ARG A 131 1.52 5.38 13.33
N SER A 132 2.64 4.69 13.26
CA SER A 132 3.64 4.92 12.22
C SER A 132 3.10 4.65 10.84
N LEU A 133 2.33 3.59 10.68
CA LEU A 133 1.74 3.28 9.39
C LEU A 133 0.77 4.36 8.94
N SER A 134 -0.02 4.87 9.89
CA SER A 134 -0.98 5.94 9.61
C SER A 134 -0.25 7.20 9.21
N TYR A 135 0.77 7.60 9.99
CA TYR A 135 1.55 8.78 9.63
C TYR A 135 2.19 8.59 8.25
N PHE A 136 2.75 7.43 7.98
CA PHE A 136 3.33 7.17 6.66
C PHE A 136 2.31 7.32 5.58
N PHE A 137 1.13 6.75 5.74
CA PHE A 137 0.11 6.85 4.71
C PHE A 137 -0.31 8.30 4.46
N ILE A 138 -0.43 9.10 5.50
CA ILE A 138 -0.84 10.49 5.27
C ILE A 138 0.31 11.36 4.75
N VAL A 139 1.55 11.06 5.10
CA VAL A 139 2.67 11.77 4.47
C VAL A 139 2.68 11.48 2.98
N ARG A 140 2.53 10.22 2.59
CA ARG A 140 2.56 9.89 1.18
C ARG A 140 1.46 10.61 0.42
N ALA A 141 0.29 10.79 1.02
CA ALA A 141 -0.81 11.45 0.36
C ALA A 141 -0.75 12.95 0.40
N PHE A 142 -0.31 13.51 1.54
CA PHE A 142 -0.50 14.93 1.78
C PHE A 142 0.79 15.73 1.92
N GLY A 143 1.92 15.06 2.09
CA GLY A 143 3.15 15.83 2.35
C GLY A 143 3.35 16.07 3.82
N ASP A 144 3.68 17.32 4.16
CA ASP A 144 3.75 17.72 5.54
C ASP A 144 2.41 17.48 6.26
N VAL A 145 2.47 16.98 7.51
CA VAL A 145 1.27 16.70 8.28
C VAL A 145 1.48 17.10 9.73
N PRO A 146 0.39 17.47 10.43
CA PRO A 146 0.58 17.74 11.86
C PRO A 146 1.07 16.53 12.63
N TYR A 147 2.07 16.68 13.47
CA TYR A 147 2.73 15.55 14.13
C TYR A 147 2.57 15.70 15.60
N TYR A 148 1.94 14.72 16.17
CA TYR A 148 1.87 14.64 17.63
C TYR A 148 1.73 13.23 18.13
N THR A 149 2.29 13.03 19.30
CA THR A 149 2.21 11.79 19.97
C THR A 149 1.57 11.94 21.37
N ASN A 150 1.16 13.15 21.76
CA ASN A 150 0.47 13.37 23.06
C ASN A 150 -0.98 12.97 23.02
N ALA A 151 -1.36 12.07 23.92
CA ALA A 151 -2.75 11.61 24.04
C ALA A 151 -3.68 12.75 24.42
N PRO A 156 -4.42 22.89 18.36
CA PRO A 156 -4.04 23.29 17.01
C PRO A 156 -2.52 23.28 16.79
N LEU A 157 -2.03 22.42 15.90
CA LEU A 157 -0.61 22.30 15.60
C LEU A 157 -0.38 22.51 14.12
N PRO A 158 0.73 23.13 13.73
CA PRO A 158 0.96 23.29 12.30
C PRO A 158 1.38 21.99 11.63
N ARG A 159 1.37 21.98 10.31
CA ARG A 159 1.91 20.84 9.57
C ARG A 159 3.40 20.77 9.85
N THR A 160 3.88 19.59 10.21
CA THR A 160 5.30 19.32 10.42
C THR A 160 5.96 18.81 9.15
N ASN A 161 7.16 19.29 8.87
CA ASN A 161 7.99 18.83 7.78
C ASN A 161 7.93 17.31 7.66
N MSE A 162 7.59 16.85 6.48
CA MSE A 162 7.40 15.43 6.21
C MSE A 162 8.66 14.63 6.47
O MSE A 162 8.58 13.49 6.87
CB MSE A 162 6.90 15.18 4.76
CG MSE A 162 7.79 15.74 3.66
SE MSE A 162 7.23 15.38 1.90
CE MSE A 162 7.47 13.49 1.88
N VAL A 163 9.83 15.23 6.24
CA VAL A 163 11.09 14.53 6.55
C VAL A 163 11.21 14.24 8.03
N ILE A 164 10.81 15.20 8.86
CA ILE A 164 10.81 14.98 10.31
C ILE A 164 9.84 13.91 10.73
N VAL A 165 8.63 13.95 10.15
CA VAL A 165 7.63 12.93 10.47
C VAL A 165 8.19 11.55 10.15
N LEU A 166 8.72 11.39 8.95
CA LEU A 166 9.23 10.09 8.52
C LEU A 166 10.38 9.62 9.41
N GLN A 167 11.33 10.51 9.72
CA GLN A 167 12.46 10.15 10.57
C GLN A 167 12.00 9.79 11.95
N ASN A 168 11.03 10.52 12.48
CA ASN A 168 10.57 10.20 13.83
C ASN A 168 9.87 8.85 13.84
N CSO A 169 9.10 8.55 12.80
CA CSO A 169 8.48 7.21 12.66
CB CSO A 169 7.73 7.05 11.35
SG CSO A 169 6.20 7.91 11.29
C CSO A 169 9.52 6.13 12.66
O CSO A 169 9.33 5.11 13.31
OD CSO A 169 5.75 8.50 12.64
N LEU A 170 10.56 6.30 11.89
CA LEU A 170 11.65 5.30 11.88
C LEU A 170 12.23 5.09 13.28
N ALA A 171 12.43 6.19 13.99
CA ALA A 171 12.95 6.12 15.33
C ALA A 171 12.02 5.38 16.26
N ASP A 172 10.71 5.52 16.08
CA ASP A 172 9.75 4.81 16.93
C ASP A 172 9.74 3.31 16.62
N LEU A 173 9.93 2.97 15.36
CA LEU A 173 9.88 1.58 14.91
C LEU A 173 11.14 0.75 15.18
N GLN A 174 12.33 1.37 15.06
CA GLN A 174 13.58 0.66 15.27
C GLN A 174 13.64 -0.18 16.57
N PRO A 175 13.25 0.41 17.71
CA PRO A 175 13.28 -0.37 18.96
C PRO A 175 12.41 -1.62 18.94
N LEU A 176 11.36 -1.63 18.14
CA LEU A 176 10.53 -2.82 18.04
C LEU A 176 11.32 -4.00 17.51
N LEU A 177 12.33 -3.74 16.69
CA LEU A 177 13.21 -4.78 16.22
C LEU A 177 14.31 -5.01 17.27
N ASP A 178 14.98 -3.93 17.69
CA ASP A 178 16.21 -4.06 18.46
C ASP A 178 15.98 -4.57 19.87
N ASP A 179 14.87 -4.16 20.48
CA ASP A 179 14.54 -4.55 21.87
C ASP A 179 13.97 -5.96 21.92
N ASP A 180 13.75 -6.58 20.77
CA ASP A 180 13.00 -7.84 20.71
C ASP A 180 13.75 -8.78 19.80
N PRO A 181 15.01 -9.05 20.13
CA PRO A 181 15.83 -9.87 19.25
C PRO A 181 15.30 -11.28 19.01
N GLY A 182 14.52 -11.79 19.95
CA GLY A 182 13.92 -13.12 19.83
C GLY A 182 12.59 -13.20 19.11
N ALA A 183 12.08 -12.07 18.62
CA ALA A 183 10.77 -12.00 17.98
C ALA A 183 9.71 -12.65 18.84
N GLU A 184 9.70 -12.25 20.11
CA GLU A 184 8.71 -12.71 21.07
C GLU A 184 7.54 -11.75 21.25
N VAL A 185 7.87 -10.47 21.38
CA VAL A 185 6.86 -9.44 21.52
C VAL A 185 6.06 -9.28 20.20
N LEU A 186 6.76 -9.17 19.08
CA LEU A 186 6.13 -9.30 17.75
C LEU A 186 6.77 -10.47 17.06
N PRO A 187 6.01 -11.55 16.87
N PRO A 187 6.04 -11.59 16.99
CA PRO A 187 6.62 -12.69 16.26
CA PRO A 187 6.48 -12.77 16.25
C PRO A 187 6.80 -12.46 14.77
C PRO A 187 6.72 -12.51 14.76
N TRP A 188 7.53 -13.34 14.13
CA TRP A 188 7.62 -13.30 12.67
C TRP A 188 6.26 -13.55 12.03
N SER A 189 5.48 -14.43 12.64
N SER A 189 5.52 -14.50 12.61
CA SER A 189 4.16 -14.68 12.12
CA SER A 189 4.25 -14.94 12.06
C SER A 189 3.31 -15.44 13.13
C SER A 189 3.33 -15.32 13.23
N TYR A 190 2.01 -15.27 12.98
CA TYR A 190 1.04 -15.81 13.90
C TYR A 190 0.40 -17.05 13.30
N SER A 191 0.10 -18.04 14.14
N SER A 191 0.11 -18.02 14.17
CA SER A 191 -0.53 -19.25 13.64
CA SER A 191 -0.52 -19.27 13.78
C SER A 191 -2.05 -19.15 13.68
C SER A 191 -2.03 -19.09 13.65
N SER A 192 -2.60 -18.26 14.50
CA SER A 192 -4.05 -18.05 14.53
C SER A 192 -4.57 -17.34 13.29
N TYR A 193 -5.59 -17.87 12.67
CA TYR A 193 -6.22 -17.17 11.56
C TYR A 193 -6.78 -15.81 11.97
N SER A 194 -7.03 -15.59 13.25
N SER A 194 -7.03 -15.59 13.26
CA SER A 194 -7.56 -14.31 13.68
CA SER A 194 -7.56 -14.32 13.72
C SER A 194 -6.45 -13.24 13.72
C SER A 194 -6.47 -13.25 13.70
N SER A 195 -5.21 -13.65 13.60
CA SER A 195 -4.07 -12.70 13.62
C SER A 195 -3.19 -12.73 12.40
N LYS A 196 -3.14 -13.83 11.67
CA LYS A 196 -2.15 -14.02 10.64
C LYS A 196 -2.36 -13.01 9.51
N GLY A 197 -1.33 -12.17 9.30
CA GLY A 197 -1.33 -11.13 8.25
C GLY A 197 -1.96 -9.82 8.65
N ILE A 198 -2.93 -9.86 9.55
CA ILE A 198 -3.77 -8.76 9.90
C ILE A 198 -3.50 -8.12 11.26
N ARG A 199 -2.58 -8.71 12.03
CA ARG A 199 -2.02 -8.09 13.21
C ARG A 199 -0.53 -7.90 12.93
N ALA A 200 0.00 -6.76 13.31
CA ALA A 200 1.39 -6.47 13.02
C ALA A 200 2.34 -7.56 13.52
N SER A 201 3.27 -7.98 12.66
CA SER A 201 4.33 -8.90 12.98
C SER A 201 5.68 -8.18 12.82
N ARG A 202 6.76 -8.89 13.10
CA ARG A 202 8.09 -8.34 12.87
C ARG A 202 8.26 -7.96 11.40
N GLY A 203 7.77 -8.81 10.51
CA GLY A 203 7.79 -8.52 9.07
C GLY A 203 7.02 -7.29 8.66
N SER A 204 5.90 -7.00 9.31
CA SER A 204 5.15 -5.79 9.07
C SER A 204 6.05 -4.55 9.34
N VAL A 205 6.70 -4.59 10.50
CA VAL A 205 7.58 -3.53 10.92
C VAL A 205 8.73 -3.33 9.94
N ILE A 206 9.36 -4.42 9.52
CA ILE A 206 10.47 -4.31 8.59
C ILE A 206 10.01 -3.69 7.27
N ALA A 207 8.91 -4.15 6.71
CA ALA A 207 8.44 -3.63 5.43
C ALA A 207 8.15 -2.15 5.52
N LEU A 208 7.47 -1.71 6.57
CA LEU A 208 7.16 -0.31 6.75
C LEU A 208 8.44 0.53 6.85
N MSE A 209 9.42 0.05 7.59
CA MSE A 209 10.67 0.77 7.72
C MSE A 209 11.40 0.89 6.41
O MSE A 209 12.01 1.93 6.13
CB MSE A 209 11.55 0.13 8.77
CG MSE A 209 11.04 0.27 10.24
SE MSE A 209 12.18 -0.53 11.54
CE MSE A 209 13.70 0.77 11.54
N MSE A 210 11.32 -0.15 5.57
N MSE A 210 11.34 -0.16 5.59
CA MSE A 210 11.95 -0.07 4.27
CA MSE A 210 11.92 -0.07 4.26
C MSE A 210 11.29 0.99 3.41
C MSE A 210 11.28 1.05 3.48
O MSE A 210 11.97 1.79 2.78
O MSE A 210 11.99 1.91 2.94
CB MSE A 210 11.93 -1.41 3.55
CB MSE A 210 11.70 -1.35 3.47
CG MSE A 210 12.65 -2.49 4.30
CG MSE A 210 12.54 -2.47 3.94
SE MSE A 210 12.45 -4.30 3.59
SE MSE A 210 12.28 -4.09 2.86
CE MSE A 210 13.52 -4.15 2.18
CE MSE A 210 13.88 -5.10 3.46
N HIS A 211 9.95 1.05 3.45
CA HIS A 211 9.24 2.07 2.71
C HIS A 211 9.56 3.47 3.20
N ILE A 212 9.64 3.66 4.50
CA ILE A 212 9.91 4.99 5.05
C ILE A 212 11.30 5.44 4.63
N ASN A 213 12.29 4.58 4.75
CA ASN A 213 13.64 4.91 4.28
C ASN A 213 13.64 5.31 2.82
N LEU A 214 12.90 4.59 1.97
CA LEU A 214 12.93 4.87 0.53
C LEU A 214 12.21 6.17 0.19
N TRP A 215 11.25 6.60 1.00
CA TRP A 215 10.66 7.91 0.85
C TRP A 215 11.67 8.97 1.28
N LEU A 216 12.43 8.70 2.32
CA LEU A 216 13.49 9.64 2.76
C LEU A 216 14.59 9.78 1.71
N VAL A 217 14.85 8.75 0.94
CA VAL A 217 15.81 8.84 -0.17
C VAL A 217 15.41 9.96 -1.11
N GLN A 218 14.12 10.11 -1.41
CA GLN A 218 13.63 11.10 -2.34
C GLN A 218 13.59 12.50 -1.73
N PHE A 219 13.13 12.60 -0.49
CA PHE A 219 12.80 13.89 0.10
C PHE A 219 13.85 14.42 1.06
N ASP A 220 14.84 13.61 1.40
CA ASP A 220 16.03 14.04 2.12
C ASP A 220 17.27 13.43 1.45
N ALA A 221 17.39 13.74 0.17
CA ALA A 221 18.37 13.07 -0.66
C ALA A 221 19.81 13.25 -0.23
N GLN A 222 20.13 14.29 0.51
CA GLN A 222 21.53 14.44 0.91
C GLN A 222 21.98 13.27 1.76
N ASN A 223 21.04 12.54 2.39
CA ASN A 223 21.35 11.42 3.26
C ASN A 223 20.92 10.08 2.63
N LYS A 224 20.76 10.06 1.32
CA LYS A 224 20.26 8.87 0.67
C LYS A 224 21.15 7.62 0.86
N GLU A 225 22.46 7.79 0.91
CA GLU A 225 23.31 6.61 1.12
C GLU A 225 22.98 5.91 2.42
N GLN A 226 22.81 6.64 3.51
CA GLN A 226 22.43 6.05 4.74
C GLN A 226 21.03 5.40 4.67
N TYR A 227 20.07 6.06 4.05
CA TYR A 227 18.74 5.44 3.96
C TYR A 227 18.80 4.13 3.18
N TYR A 228 19.50 4.09 2.07
CA TYR A 228 19.66 2.87 1.33
C TYR A 228 20.37 1.80 2.15
N ARG A 229 21.40 2.18 2.90
CA ARG A 229 22.05 1.24 3.79
C ARG A 229 21.10 0.68 4.83
N ASN A 230 20.21 1.54 5.32
CA ASN A 230 19.20 1.09 6.27
C ASN A 230 18.33 0.02 5.63
N VAL A 231 17.94 0.23 4.38
CA VAL A 231 17.07 -0.75 3.70
C VAL A 231 17.81 -2.07 3.55
N VAL A 232 19.10 -2.01 3.20
CA VAL A 232 19.90 -3.25 3.12
C VAL A 232 19.96 -3.98 4.47
N SER A 233 20.18 -3.21 5.53
N SER A 233 20.17 -3.24 5.55
CA SER A 233 20.17 -3.77 6.87
CA SER A 233 20.18 -3.89 6.86
C SER A 233 18.85 -4.47 7.17
C SER A 233 18.82 -4.48 7.24
N LEU A 234 17.76 -3.79 6.84
CA LEU A 234 16.43 -4.32 7.06
C LEU A 234 16.18 -5.57 6.23
N GLY A 235 16.68 -5.58 5.01
CA GLY A 235 16.59 -6.80 4.17
C GLY A 235 17.32 -7.97 4.76
N GLU A 236 18.51 -7.71 5.28
CA GLU A 236 19.31 -8.75 5.93
C GLU A 236 18.54 -9.29 7.12
N GLU A 237 17.88 -8.43 7.87
CA GLU A 237 17.05 -8.87 8.99
C GLU A 237 15.82 -9.64 8.53
N LEU A 238 15.15 -9.15 7.48
CA LEU A 238 14.01 -9.86 6.91
C LEU A 238 14.37 -11.30 6.60
N GLU A 239 15.57 -11.51 6.07
CA GLU A 239 15.99 -12.83 5.63
C GLU A 239 16.45 -13.72 6.76
N ARG A 240 16.33 -13.26 7.99
CA ARG A 240 16.50 -14.11 9.19
C ARG A 240 15.17 -14.71 9.68
N ASN A 241 14.14 -14.61 8.88
CA ASN A 241 12.81 -15.08 9.28
C ASN A 241 12.68 -16.62 9.38
N ASN A 242 13.69 -17.34 8.90
CA ASN A 242 13.81 -18.80 9.07
C ASN A 242 12.61 -19.57 8.58
N GLY A 243 12.12 -19.19 7.40
CA GLY A 243 11.05 -19.92 6.74
C GLY A 243 9.64 -19.50 7.09
N ALA A 244 9.48 -18.49 7.94
CA ALA A 244 8.16 -17.93 8.24
C ALA A 244 7.50 -17.36 6.98
N TYR A 245 8.32 -16.75 6.12
CA TYR A 245 7.84 -16.15 4.90
C TYR A 245 8.31 -16.94 3.70
N SER A 246 7.46 -17.02 2.70
CA SER A 246 7.85 -17.65 1.45
C SER A 246 7.07 -17.05 0.29
N LEU A 247 7.58 -17.25 -0.91
CA LEU A 247 6.86 -16.91 -2.11
C LEU A 247 5.98 -18.08 -2.55
N LEU A 248 4.67 -17.90 -2.61
CA LEU A 248 3.81 -19.00 -3.06
C LEU A 248 3.95 -19.25 -4.55
N ASP A 249 3.64 -20.46 -4.97
N ASP A 249 3.63 -20.46 -4.97
CA ASP A 249 3.59 -20.75 -6.39
CA ASP A 249 3.62 -20.75 -6.38
C ASP A 249 2.65 -19.77 -7.09
C ASP A 249 2.63 -19.85 -7.11
N ILE A 250 3.02 -19.36 -8.29
CA ILE A 250 2.20 -18.41 -9.02
C ILE A 250 0.81 -18.92 -9.32
N ASN A 251 0.66 -20.23 -9.52
N ASN A 251 0.71 -20.24 -9.48
CA ASN A 251 -0.68 -20.78 -9.72
CA ASN A 251 -0.57 -20.93 -9.74
C ASN A 251 -1.54 -20.76 -8.44
C ASN A 251 -1.50 -20.98 -8.51
N ARG A 252 -0.92 -20.45 -7.29
N ARG A 252 -1.02 -20.46 -7.39
CA ARG A 252 -1.66 -20.27 -6.03
CA ARG A 252 -1.85 -20.30 -6.19
C ARG A 252 -1.81 -18.79 -5.71
C ARG A 252 -1.93 -18.84 -5.76
N SER A 253 -1.79 -17.95 -6.74
CA SER A 253 -1.96 -16.51 -6.52
C SER A 253 -3.19 -16.16 -5.70
N SER A 254 -4.31 -16.87 -5.89
CA SER A 254 -5.54 -16.54 -5.17
C SER A 254 -5.36 -16.73 -3.66
N VAL A 255 -4.46 -17.62 -3.27
CA VAL A 255 -4.19 -17.85 -1.85
C VAL A 255 -3.41 -16.67 -1.23
N ILE A 256 -2.50 -16.08 -1.99
CA ILE A 256 -1.85 -14.83 -1.57
C ILE A 256 -2.90 -13.75 -1.33
N PHE A 257 -3.77 -13.55 -2.32
CA PHE A 257 -4.69 -12.44 -2.27
C PHE A 257 -5.94 -12.63 -1.43
N ALA A 258 -6.20 -13.87 -0.99
CA ALA A 258 -7.24 -14.12 -0.02
C ALA A 258 -6.85 -13.52 1.33
N GLY A 259 -5.54 -13.48 1.58
CA GLY A 259 -5.03 -13.02 2.85
C GLY A 259 -4.66 -14.16 3.76
N GLY A 260 -3.79 -13.86 4.71
CA GLY A 260 -3.36 -14.85 5.66
C GLY A 260 -2.37 -15.88 5.14
N SER A 261 -1.77 -15.64 3.99
CA SER A 261 -0.78 -16.54 3.44
C SER A 261 0.60 -16.32 4.02
N ASP A 262 1.51 -17.23 3.73
CA ASP A 262 2.88 -17.11 4.22
C ASP A 262 3.70 -16.03 3.47
N GLU A 263 3.10 -15.40 2.46
CA GLU A 263 3.77 -14.35 1.72
C GLU A 263 3.37 -12.98 2.27
N GLY A 264 2.28 -12.89 3.01
CA GLY A 264 1.82 -11.59 3.47
C GLY A 264 2.76 -11.02 4.53
N LEU A 265 3.01 -9.72 4.50
CA LEU A 265 3.73 -9.05 5.57
C LEU A 265 2.78 -8.14 6.35
N PHE A 266 1.90 -7.38 5.71
CA PHE A 266 0.86 -6.65 6.46
C PHE A 266 -0.35 -6.58 5.56
N GLU A 267 -1.51 -6.82 6.13
CA GLU A 267 -2.79 -6.87 5.40
C GLU A 267 -3.87 -6.18 6.21
N ILE A 268 -4.81 -5.57 5.50
CA ILE A 268 -6.02 -5.01 6.08
C ILE A 268 -7.10 -6.06 5.96
N ALA A 269 -7.76 -6.41 7.07
CA ALA A 269 -8.67 -7.52 7.12
C ALA A 269 -10.02 -7.20 6.47
N GLN A 270 -10.47 -8.09 5.60
CA GLN A 270 -11.85 -8.13 5.17
C GLN A 270 -12.47 -9.41 5.72
N ASN A 271 -13.70 -9.31 6.15
CA ASN A 271 -14.42 -10.47 6.62
C ASN A 271 -15.91 -10.28 6.33
N ILE A 272 -16.31 -10.72 5.13
CA ILE A 272 -17.68 -10.65 4.66
C ILE A 272 -18.67 -11.23 5.66
N ASN A 273 -18.32 -12.38 6.23
CA ASN A 273 -19.22 -13.06 7.16
C ASN A 273 -19.47 -12.27 8.44
N PHE A 274 -18.53 -11.40 8.80
CA PHE A 274 -18.62 -10.59 10.01
C PHE A 274 -18.92 -9.11 9.74
N ASN A 275 -19.44 -8.83 8.55
CA ASN A 275 -19.84 -7.48 8.19
C ASN A 275 -18.66 -6.52 8.22
N GLU A 276 -17.49 -7.02 7.87
CA GLU A 276 -16.31 -6.15 7.73
C GLU A 276 -15.97 -6.16 6.24
N ILE A 277 -16.62 -5.27 5.52
CA ILE A 277 -16.61 -5.27 4.06
C ILE A 277 -16.07 -3.97 3.54
N PHE A 278 -15.10 -4.08 2.64
CA PHE A 278 -14.55 -2.89 2.01
C PHE A 278 -15.58 -2.32 1.06
N MSE A 279 -15.50 -1.03 0.78
CA MSE A 279 -16.29 -0.49 -0.30
C MSE A 279 -15.92 -1.18 -1.60
O MSE A 279 -14.74 -1.41 -1.87
CB MSE A 279 -15.99 0.99 -0.46
CG MSE A 279 -16.55 1.82 0.58
SE MSE A 279 -16.07 3.70 0.42
CE MSE A 279 -16.78 4.00 -1.22
N MSE A 280 -16.92 -1.48 -2.41
N MSE A 280 -16.91 -1.50 -2.43
CA MSE A 280 -16.67 -2.06 -3.69
CA MSE A 280 -16.63 -2.08 -3.74
C MSE A 280 -15.66 -1.22 -4.49
C MSE A 280 -15.63 -1.22 -4.51
O MSE A 280 -14.71 -1.77 -5.07
O MSE A 280 -14.66 -1.73 -5.08
CB MSE A 280 -18.00 -2.15 -4.43
CB MSE A 280 -17.91 -2.22 -4.58
CG MSE A 280 -17.87 -2.80 -5.72
CG MSE A 280 -18.89 -3.24 -4.04
SE MSE A 280 -19.55 -3.35 -6.48
SE MSE A 280 -18.33 -5.05 -4.39
CE MSE A 280 -19.97 -4.17 -5.40
CE MSE A 280 -18.55 -5.03 -6.31
N ASN A 281 -15.85 0.09 -4.50
CA ASN A 281 -15.02 1.00 -5.30
C ASN A 281 -13.60 1.14 -4.71
N ALA A 282 -13.42 0.71 -3.47
CA ALA A 282 -12.11 0.70 -2.82
C ALA A 282 -11.24 -0.50 -3.21
N LYS A 283 -11.87 -1.54 -3.75
CA LYS A 283 -11.19 -2.77 -4.11
C LYS A 283 -10.80 -2.70 -5.58
N PHE A 284 -9.51 -2.65 -5.84
CA PHE A 284 -9.04 -2.60 -7.21
C PHE A 284 -9.70 -3.66 -8.07
N SER A 285 -9.74 -4.89 -7.56
CA SER A 285 -10.32 -5.98 -8.32
C SER A 285 -11.75 -5.65 -8.81
N ASP A 286 -12.57 -5.03 -7.96
CA ASP A 286 -13.95 -4.73 -8.33
C ASP A 286 -14.07 -3.60 -9.32
N ASN A 287 -12.96 -2.90 -9.55
CA ASN A 287 -12.96 -1.84 -10.54
C ASN A 287 -12.45 -2.30 -11.90
N VAL A 288 -11.79 -3.47 -11.95
CA VAL A 288 -11.19 -3.96 -13.19
C VAL A 288 -11.76 -5.31 -13.59
N SER A 289 -12.90 -5.70 -13.04
CA SER A 289 -13.55 -6.98 -13.35
C SER A 289 -14.95 -6.76 -13.86
N TYR A 290 -15.44 -7.68 -14.68
CA TYR A 290 -16.84 -7.62 -15.12
C TYR A 290 -17.53 -8.97 -15.18
N SER A 291 -16.82 -10.00 -15.63
CA SER A 291 -17.51 -11.25 -15.99
C SER A 291 -18.06 -11.96 -14.75
N CYS A 292 -17.36 -11.82 -13.63
CA CYS A 292 -17.83 -12.44 -12.37
C CYS A 292 -18.74 -11.53 -11.55
N LEU A 293 -18.97 -10.30 -12.01
CA LEU A 293 -19.80 -9.33 -11.31
C LEU A 293 -21.11 -9.06 -12.04
N ASN A 294 -21.47 -9.87 -13.04
N ASN A 294 -21.24 -9.80 -13.14
CA ASN A 294 -22.73 -9.61 -13.76
CA ASN A 294 -22.38 -9.74 -14.05
C ASN A 294 -22.78 -8.19 -14.36
C ASN A 294 -22.72 -8.32 -14.44
N LYS A 295 -21.67 -7.69 -14.91
CA LYS A 295 -21.66 -6.36 -15.51
C LYS A 295 -21.24 -6.58 -16.92
N SER A 296 -21.54 -5.63 -17.80
CA SER A 296 -21.15 -5.75 -19.18
C SER A 296 -19.70 -5.29 -19.40
N MSE A 297 -19.20 -4.39 -18.55
N MSE A 297 -19.19 -4.45 -18.51
CA MSE A 297 -17.82 -3.89 -18.65
CA MSE A 297 -17.79 -4.01 -18.60
C MSE A 297 -17.38 -3.41 -17.27
C MSE A 297 -17.37 -3.53 -17.22
O MSE A 297 -18.22 -3.06 -16.44
O MSE A 297 -18.22 -3.29 -16.35
CB MSE A 297 -17.71 -2.74 -19.68
CB MSE A 297 -17.60 -2.89 -19.62
CG MSE A 297 -18.48 -1.47 -19.31
CG MSE A 297 -18.27 -1.58 -19.23
SE MSE A 297 -19.14 -0.38 -20.83
SE MSE A 297 -20.20 -1.70 -19.22
CE MSE A 297 -20.39 0.68 -19.84
CE MSE A 297 -20.48 -1.72 -21.16
N PRO A 298 -16.06 -3.42 -17.00
CA PRO A 298 -15.57 -2.89 -15.72
C PRO A 298 -15.61 -1.40 -15.64
N LEU A 299 -15.16 -0.85 -14.51
CA LEU A 299 -15.04 0.59 -14.39
C LEU A 299 -13.99 1.19 -15.33
N PHE A 300 -12.83 0.55 -15.43
CA PHE A 300 -11.75 1.05 -16.26
C PHE A 300 -10.85 -0.06 -16.74
N CYS A 301 -10.02 0.30 -17.72
CA CYS A 301 -8.99 -0.59 -18.20
C CYS A 301 -7.68 0.14 -18.42
N TYR A 302 -6.61 -0.66 -18.44
CA TYR A 302 -5.27 -0.20 -18.72
C TYR A 302 -4.99 -0.18 -20.22
N SER A 303 -4.25 0.81 -20.64
CA SER A 303 -3.73 0.86 -22.02
C SER A 303 -3.09 -0.45 -22.44
N GLY A 304 -3.44 -0.92 -23.63
CA GLY A 304 -2.78 -2.08 -24.19
C GLY A 304 -1.33 -1.83 -24.53
N ASP A 305 -0.99 -0.60 -24.91
CA ASP A 305 0.39 -0.25 -25.17
C ASP A 305 1.19 -0.33 -23.87
N TYR A 306 0.63 0.21 -22.78
CA TYR A 306 1.30 0.09 -21.51
C TYR A 306 1.57 -1.37 -21.14
N LEU A 307 0.57 -2.24 -21.29
CA LEU A 307 0.72 -3.62 -20.88
C LEU A 307 1.66 -4.38 -21.83
N MSE A 308 1.73 -3.98 -23.10
N MSE A 308 1.68 -3.98 -23.09
CA MSE A 308 2.72 -4.55 -24.00
CA MSE A 308 2.67 -4.46 -24.05
C MSE A 308 4.13 -4.15 -23.56
C MSE A 308 4.08 -4.17 -23.49
O MSE A 308 5.09 -4.88 -23.82
O MSE A 308 4.96 -5.04 -23.53
CB MSE A 308 2.46 -4.13 -25.45
CB MSE A 308 2.45 -3.79 -25.41
CG MSE A 308 1.38 -4.95 -26.14
CG MSE A 308 1.23 -4.33 -26.19
SE MSE A 308 1.18 -4.48 -28.03
SE MSE A 308 1.69 -5.93 -27.22
CE MSE A 308 0.26 -2.87 -27.82
CE MSE A 308 3.26 -5.16 -27.73
N THR A 309 4.28 -2.97 -22.96
CA THR A 309 5.59 -2.56 -22.40
C THR A 309 5.91 -3.31 -21.11
N LEU A 310 4.92 -3.36 -20.25
CA LEU A 310 5.06 -3.97 -18.96
C LEU A 310 5.25 -5.49 -19.00
N PHE A 311 4.48 -6.16 -19.83
CA PHE A 311 4.52 -7.63 -19.98
C PHE A 311 4.82 -7.95 -21.44
N PRO A 312 6.09 -7.85 -21.86
N PRO A 312 6.11 -7.91 -21.83
CA PRO A 312 6.37 -7.96 -23.30
CA PRO A 312 6.49 -8.21 -23.21
C PRO A 312 5.92 -9.28 -23.90
C PRO A 312 5.80 -9.41 -23.80
N MSE A 313 5.32 -9.19 -25.09
N MSE A 313 5.36 -9.24 -25.05
CA MSE A 313 4.69 -10.36 -25.71
CA MSE A 313 4.75 -10.30 -25.84
C MSE A 313 5.66 -11.47 -26.12
C MSE A 313 5.68 -11.46 -26.08
O MSE A 313 5.24 -12.61 -26.27
O MSE A 313 5.25 -12.62 -26.11
CB MSE A 313 3.85 -9.90 -26.90
CB MSE A 313 4.35 -9.75 -27.21
CG MSE A 313 4.63 -9.44 -28.10
CG MSE A 313 3.07 -8.99 -27.22
SE MSE A 313 3.43 -8.69 -29.46
SE MSE A 313 2.45 -8.70 -29.00
CE MSE A 313 2.43 -9.98 -29.70
CE MSE A 313 0.57 -8.82 -28.70
N TYR A 314 6.95 -11.15 -26.28
CA TYR A 314 7.92 -12.13 -26.74
C TYR A 314 8.71 -12.76 -25.63
N GLU A 315 8.35 -12.47 -24.36
CA GLU A 315 9.07 -13.01 -23.23
C GLU A 315 8.15 -13.76 -22.27
N ASP A 316 8.62 -14.87 -21.74
CA ASP A 316 7.82 -15.69 -20.84
C ASP A 316 7.50 -14.96 -19.54
N ASP A 317 6.28 -15.11 -19.05
CA ASP A 317 5.90 -14.54 -17.73
C ASP A 317 4.51 -15.05 -17.42
N ALA A 318 4.43 -15.96 -16.46
CA ALA A 318 3.16 -16.60 -16.13
C ALA A 318 2.10 -15.60 -15.62
N ARG A 319 2.52 -14.42 -15.16
CA ARG A 319 1.54 -13.43 -14.75
C ARG A 319 0.67 -13.02 -15.91
N LYS A 320 1.20 -13.10 -17.13
CA LYS A 320 0.38 -12.74 -18.30
C LYS A 320 -0.89 -13.57 -18.38
N GLU A 321 -0.74 -14.88 -18.29
CA GLU A 321 -1.85 -15.82 -18.42
C GLU A 321 -2.71 -15.87 -17.16
N LEU A 322 -2.08 -15.71 -16.00
CA LEU A 322 -2.82 -15.97 -14.76
C LEU A 322 -3.49 -14.74 -14.20
N TRP A 323 -2.98 -13.57 -14.52
CA TRP A 323 -3.49 -12.35 -13.92
C TRP A 323 -4.33 -11.52 -14.86
N PHE A 324 -4.27 -11.82 -16.16
CA PHE A 324 -4.99 -11.05 -17.16
C PHE A 324 -5.80 -12.00 -18.04
N ASP A 325 -6.84 -11.46 -18.66
CA ASP A 325 -7.55 -12.21 -19.71
C ASP A 325 -6.83 -12.10 -21.06
N GLU A 326 -7.37 -12.77 -22.06
CA GLU A 326 -6.69 -12.86 -23.34
C GLU A 326 -6.65 -11.54 -24.11
N LYS A 327 -7.42 -10.54 -23.66
CA LYS A 327 -7.44 -9.23 -24.27
C LYS A 327 -6.47 -8.25 -23.59
N ILE A 328 -5.52 -8.80 -22.85
CA ILE A 328 -4.51 -7.99 -22.16
C ILE A 328 -3.95 -6.81 -22.98
N TYR A 329 -3.62 -7.02 -24.25
CA TYR A 329 -3.00 -5.99 -25.05
C TYR A 329 -3.95 -5.13 -25.86
N SER A 330 -5.26 -5.38 -25.74
CA SER A 330 -6.23 -4.67 -26.55
C SER A 330 -6.12 -3.18 -26.35
N THR A 331 -6.25 -2.44 -27.44
CA THR A 331 -6.21 -0.99 -27.38
C THR A 331 -7.63 -0.44 -27.40
N SER A 332 -8.62 -1.31 -27.35
CA SER A 332 -10.02 -0.89 -27.27
C SER A 332 -10.37 -0.36 -25.87
N VAL A 333 -11.06 0.76 -25.84
CA VAL A 333 -11.72 1.22 -24.61
C VAL A 333 -13.22 1.16 -24.78
N SER A 334 -13.67 0.26 -25.66
CA SER A 334 -15.08 0.10 -25.98
C SER A 334 -15.83 -0.83 -25.04
N SER A 335 -16.97 -0.33 -24.57
CA SER A 335 -18.06 -1.10 -24.03
C SER A 335 -18.26 -2.50 -24.64
N SER A 336 -18.20 -2.56 -25.95
CA SER A 336 -18.45 -3.82 -26.66
C SER A 336 -17.30 -4.83 -26.55
N ALA A 337 -16.10 -4.37 -26.20
CA ALA A 337 -14.95 -5.25 -26.14
C ALA A 337 -14.16 -4.98 -24.87
N PRO A 338 -14.75 -5.32 -23.74
CA PRO A 338 -14.04 -5.02 -22.48
C PRO A 338 -12.91 -5.98 -22.17
N LYS A 339 -12.02 -5.58 -21.26
CA LYS A 339 -11.00 -6.50 -20.78
C LYS A 339 -10.91 -6.37 -19.26
N GLU A 340 -10.50 -7.45 -18.63
CA GLU A 340 -10.47 -7.49 -17.16
C GLU A 340 -9.19 -8.08 -16.65
N ILE A 341 -8.92 -7.76 -15.37
CA ILE A 341 -7.78 -8.29 -14.65
C ILE A 341 -8.30 -9.27 -13.61
N LYS A 342 -7.79 -10.49 -13.59
CA LYS A 342 -8.31 -11.57 -12.76
C LYS A 342 -7.36 -12.00 -11.62
N LYS A 343 -6.30 -11.21 -11.48
CA LYS A 343 -5.24 -11.44 -10.47
C LYS A 343 -5.80 -11.70 -9.08
N PHE A 344 -6.81 -10.94 -8.66
CA PHE A 344 -7.25 -10.97 -7.27
C PHE A 344 -8.50 -11.81 -7.04
N TRP A 345 -8.99 -12.52 -8.07
CA TRP A 345 -10.30 -13.16 -7.91
C TRP A 345 -10.37 -14.14 -6.76
N ASN A 346 -11.28 -13.81 -5.86
CA ASN A 346 -11.74 -14.63 -4.75
C ASN A 346 -13.18 -14.17 -4.57
N ILE A 347 -14.05 -14.79 -5.35
CA ILE A 347 -15.38 -14.27 -5.56
C ILE A 347 -16.32 -14.73 -4.45
N ASP A 348 -17.20 -13.84 -3.98
CA ASP A 348 -18.15 -14.22 -2.94
C ASP A 348 -19.31 -13.27 -2.98
N THR A 349 -20.40 -13.66 -2.32
CA THR A 349 -21.57 -12.83 -2.23
C THR A 349 -21.86 -12.43 -0.79
N TYR A 350 -22.51 -11.28 -0.61
CA TYR A 350 -22.95 -10.88 0.73
C TYR A 350 -24.24 -10.08 0.64
N GLY A 351 -24.80 -9.77 1.81
CA GLY A 351 -26.04 -9.01 1.88
C GLY A 351 -27.12 -9.64 1.04
N ASN A 352 -27.82 -8.84 0.25
CA ASN A 352 -28.80 -9.39 -0.67
C ASN A 352 -28.22 -9.57 -2.05
N GLY A 353 -27.42 -10.61 -2.21
CA GLY A 353 -26.97 -11.04 -3.52
C GLY A 353 -25.83 -10.24 -4.09
N THR A 354 -25.28 -9.29 -3.34
CA THR A 354 -24.19 -8.47 -3.87
C THR A 354 -22.93 -9.29 -4.04
N ILE A 355 -22.36 -9.20 -5.23
CA ILE A 355 -21.17 -9.96 -5.54
C ILE A 355 -19.91 -9.08 -5.43
N THR A 356 -18.86 -9.63 -4.82
CA THR A 356 -17.54 -9.02 -4.96
C THR A 356 -16.61 -10.00 -5.62
N SER A 357 -15.70 -9.45 -6.40
CA SER A 357 -14.68 -10.28 -7.01
C SER A 357 -13.51 -10.56 -6.10
N ASN A 358 -13.44 -9.86 -4.95
CA ASN A 358 -12.34 -10.04 -4.04
C ASN A 358 -12.77 -9.92 -2.58
N SER A 359 -13.11 -11.06 -1.99
CA SER A 359 -13.45 -11.16 -0.56
C SER A 359 -12.22 -11.21 0.33
N GLY A 360 -11.04 -11.10 -0.25
CA GLY A 360 -9.81 -11.22 0.50
C GLY A 360 -9.39 -9.96 1.21
N ASN A 361 -8.38 -10.11 2.05
CA ASN A 361 -7.73 -8.96 2.70
C ASN A 361 -7.06 -8.10 1.66
N GLN A 362 -6.86 -6.82 1.96
CA GLN A 362 -6.06 -5.96 1.12
C GLN A 362 -4.63 -6.18 1.53
N ILE A 363 -3.77 -6.49 0.56
N ILE A 363 -3.80 -6.58 0.57
CA ILE A 363 -2.38 -6.85 0.87
CA ILE A 363 -2.43 -6.82 0.87
C ILE A 363 -1.48 -5.63 0.79
C ILE A 363 -1.79 -5.42 0.85
N VAL A 364 -1.16 -5.01 1.93
CA VAL A 364 -0.46 -3.75 1.96
C VAL A 364 1.01 -3.97 1.66
N PHE A 365 1.64 -4.90 2.35
CA PHE A 365 3.04 -5.25 2.13
C PHE A 365 3.09 -6.75 2.01
N ARG A 366 3.83 -7.26 1.02
CA ARG A 366 4.06 -8.70 0.99
C ARG A 366 5.49 -9.03 0.61
N TYR A 367 5.87 -10.28 0.77
CA TYR A 367 7.27 -10.68 0.74
C TYR A 367 7.92 -10.42 -0.61
N ALA A 368 7.23 -10.61 -1.73
CA ALA A 368 7.84 -10.32 -3.02
C ALA A 368 8.19 -8.85 -3.12
N GLY A 369 7.29 -7.99 -2.65
CA GLY A 369 7.57 -6.55 -2.64
C GLY A 369 8.80 -6.20 -1.84
N ALA A 370 8.91 -6.75 -0.64
CA ALA A 370 10.02 -6.46 0.24
C ALA A 370 11.35 -6.95 -0.34
N LEU A 371 11.32 -8.10 -1.01
CA LEU A 371 12.54 -8.58 -1.65
C LEU A 371 12.97 -7.61 -2.73
N LEU A 372 12.01 -7.04 -3.46
CA LEU A 372 12.33 -6.08 -4.52
C LEU A 372 12.82 -4.78 -3.96
N LEU A 373 12.31 -4.34 -2.81
CA LEU A 373 12.87 -3.15 -2.16
C LEU A 373 14.31 -3.34 -1.73
N TYR A 374 14.62 -4.52 -1.19
CA TYR A 374 15.96 -4.91 -0.81
C TYR A 374 16.87 -4.88 -2.04
N ALA A 375 16.41 -5.50 -3.12
CA ALA A 375 17.17 -5.45 -4.37
C ALA A 375 17.37 -4.01 -4.84
N GLU A 376 16.33 -3.18 -4.80
CA GLU A 376 16.42 -1.82 -5.25
C GLU A 376 17.50 -1.07 -4.50
N ALA A 377 17.54 -1.20 -3.18
CA ALA A 377 18.51 -0.49 -2.35
C ALA A 377 19.91 -0.98 -2.66
N LEU A 378 20.09 -2.27 -2.78
CA LEU A 378 21.42 -2.81 -3.13
C LEU A 378 21.86 -2.26 -4.46
N ALA A 379 20.97 -2.30 -5.46
CA ALA A 379 21.34 -1.83 -6.77
C ALA A 379 21.70 -0.34 -6.75
N ALA A 380 21.03 0.43 -5.91
CA ALA A 380 21.26 1.88 -5.88
C ALA A 380 22.60 2.15 -5.24
N LEU A 381 23.00 1.35 -4.29
CA LEU A 381 24.28 1.50 -3.64
C LEU A 381 25.43 1.04 -4.52
N GLY A 382 25.17 0.04 -5.37
CA GLY A 382 26.15 -0.43 -6.37
C GLY A 382 27.19 -1.33 -5.75
N THR A 383 26.94 -1.77 -4.53
CA THR A 383 27.91 -2.51 -3.75
C THR A 383 27.81 -4.03 -3.95
N ASN A 384 26.71 -4.52 -4.50
CA ASN A 384 26.54 -5.96 -4.63
C ASN A 384 25.44 -6.28 -5.62
N ASP A 385 25.74 -6.06 -6.89
CA ASP A 385 24.74 -6.22 -7.96
C ASP A 385 24.40 -7.67 -8.12
N THR A 386 25.33 -8.56 -7.82
CA THR A 386 25.04 -9.97 -7.90
C THR A 386 23.92 -10.37 -6.91
N LYS A 387 24.00 -9.85 -5.68
CA LYS A 387 22.96 -10.16 -4.70
C LYS A 387 21.66 -9.48 -5.09
N ALA A 388 21.74 -8.28 -5.60
CA ALA A 388 20.53 -7.63 -6.10
C ALA A 388 19.82 -8.48 -7.17
N CYS A 389 20.58 -9.04 -8.12
CA CYS A 389 20.03 -9.95 -9.09
C CYS A 389 19.46 -11.20 -8.49
N GLU A 390 20.14 -11.77 -7.50
CA GLU A 390 19.63 -12.96 -6.84
C GLU A 390 18.23 -12.71 -6.26
N LEU A 391 18.08 -11.59 -5.54
CA LEU A 391 16.81 -11.21 -4.96
C LEU A 391 15.74 -11.03 -6.05
N LEU A 392 16.06 -10.24 -7.04
CA LEU A 392 15.17 -10.01 -8.17
C LEU A 392 14.73 -11.33 -8.78
N ASN A 393 15.69 -12.23 -8.94
CA ASN A 393 15.38 -13.50 -9.60
C ASN A 393 14.53 -14.46 -8.81
N ARG A 394 14.45 -14.28 -7.51
CA ARG A 394 13.47 -15.05 -6.76
C ARG A 394 12.06 -14.74 -7.20
N VAL A 395 11.82 -13.47 -7.48
CA VAL A 395 10.51 -13.04 -7.97
C VAL A 395 10.32 -13.42 -9.44
N ARG A 396 11.36 -13.23 -10.24
CA ARG A 396 11.29 -13.62 -11.66
C ARG A 396 11.02 -15.12 -11.77
N ASN A 397 11.75 -15.91 -11.00
CA ASN A 397 11.59 -17.37 -11.08
C ASN A 397 10.19 -17.80 -10.65
N ARG A 398 9.63 -17.17 -9.62
CA ARG A 398 8.29 -17.54 -9.21
C ARG A 398 7.28 -17.27 -10.33
N ALA A 399 7.50 -16.21 -11.10
CA ALA A 399 6.63 -15.88 -12.24
C ALA A 399 6.96 -16.66 -13.51
N HIS A 400 7.97 -17.54 -13.47
CA HIS A 400 8.42 -18.23 -14.66
C HIS A 400 8.80 -17.23 -15.75
N ALA A 401 9.47 -16.15 -15.36
CA ALA A 401 10.10 -15.22 -16.24
C ALA A 401 11.60 -15.45 -16.29
N SER A 402 12.24 -14.92 -17.32
CA SER A 402 13.67 -15.17 -17.49
C SER A 402 14.51 -14.57 -16.36
N GLU A 403 15.56 -15.25 -15.93
CA GLU A 403 16.46 -14.69 -14.92
C GLU A 403 17.19 -13.49 -15.51
N ILE A 404 17.38 -12.48 -14.67
CA ILE A 404 18.04 -11.27 -15.04
C ILE A 404 19.50 -11.36 -14.58
N ASN A 405 20.42 -10.96 -15.44
CA ASN A 405 21.83 -10.95 -15.13
C ASN A 405 22.40 -9.67 -15.70
N THR A 406 22.40 -8.64 -14.89
CA THR A 406 22.82 -7.35 -15.32
C THR A 406 23.22 -6.51 -14.13
N SER A 407 23.46 -5.24 -14.35
CA SER A 407 24.07 -4.40 -13.37
C SER A 407 23.68 -2.94 -13.63
N GLY A 408 24.06 -2.08 -12.73
CA GLY A 408 23.99 -0.65 -12.98
C GLY A 408 22.60 -0.19 -13.36
N SER A 409 22.53 0.75 -14.28
CA SER A 409 21.25 1.34 -14.63
C SER A 409 20.28 0.31 -15.17
N GLU A 410 20.74 -0.66 -15.94
CA GLU A 410 19.85 -1.66 -16.47
C GLU A 410 19.21 -2.47 -15.33
N LEU A 411 19.98 -2.75 -14.30
CA LEU A 411 19.49 -3.51 -13.14
C LEU A 411 18.49 -2.66 -12.35
N MSE A 412 18.79 -1.40 -12.12
CA MSE A 412 17.86 -0.53 -11.41
C MSE A 412 16.53 -0.44 -12.16
O MSE A 412 15.44 -0.56 -11.55
CB MSE A 412 18.46 0.86 -11.27
CG MSE A 412 19.70 0.87 -10.39
SE MSE A 412 20.46 2.58 -10.10
CE MSE A 412 22.41 2.12 -10.13
N ASP A 413 16.57 -0.30 -13.48
CA ASP A 413 15.36 -0.29 -14.28
C ASP A 413 14.63 -1.61 -14.16
N ALA A 414 15.34 -2.73 -14.24
CA ALA A 414 14.69 -4.03 -14.17
C ALA A 414 13.91 -4.19 -12.87
N ILE A 415 14.48 -3.74 -11.77
CA ILE A 415 13.82 -3.88 -10.49
C ILE A 415 12.58 -2.97 -10.42
N PHE A 416 12.68 -1.74 -10.93
CA PHE A 416 11.50 -0.85 -10.99
C PHE A 416 10.39 -1.51 -11.80
N TRP A 417 10.70 -2.06 -12.97
CA TRP A 417 9.65 -2.60 -13.82
C TRP A 417 9.11 -3.88 -13.24
N GLU A 418 9.96 -4.63 -12.54
CA GLU A 418 9.50 -5.83 -11.90
C GLU A 418 8.47 -5.50 -10.79
N ARG A 419 8.72 -4.45 -10.02
CA ARG A 419 7.73 -4.04 -9.02
C ARG A 419 6.43 -3.63 -9.72
N CYS A 420 6.49 -2.99 -10.88
CA CYS A 420 5.28 -2.63 -11.59
C CYS A 420 4.51 -3.85 -12.05
N ARG A 421 5.21 -4.88 -12.51
CA ARG A 421 4.54 -6.12 -12.91
C ARG A 421 3.99 -6.87 -11.71
N GLU A 422 4.82 -7.06 -10.70
CA GLU A 422 4.48 -7.92 -9.59
C GLU A 422 3.37 -7.35 -8.72
N LEU A 423 3.34 -6.02 -8.55
CA LEU A 423 2.45 -5.40 -7.58
C LEU A 423 1.28 -4.67 -8.16
N ILE A 424 1.01 -4.88 -9.44
CA ILE A 424 -0.10 -4.20 -10.06
C ILE A 424 -1.39 -4.45 -9.29
N GLY A 425 -2.11 -3.38 -9.01
CA GLY A 425 -3.37 -3.47 -8.29
C GLY A 425 -3.27 -3.51 -6.78
N GLU A 426 -2.05 -3.40 -6.21
CA GLU A 426 -1.85 -3.47 -4.78
C GLU A 426 -1.57 -2.12 -4.12
N GLY A 427 -1.67 -1.03 -4.86
CA GLY A 427 -1.58 0.30 -4.27
C GLY A 427 -0.19 0.87 -4.17
N HIS A 428 0.75 0.35 -4.95
CA HIS A 428 2.12 0.80 -4.94
C HIS A 428 2.52 1.66 -6.13
N TYR A 429 1.86 1.53 -7.26
CA TYR A 429 2.28 2.15 -8.50
C TYR A 429 2.60 3.62 -8.36
N TYR A 430 1.61 4.40 -7.93
CA TYR A 430 1.82 5.83 -7.91
C TYR A 430 2.89 6.23 -6.91
N TYR A 431 2.84 5.58 -5.75
CA TYR A 431 3.74 5.91 -4.67
C TYR A 431 5.18 5.54 -5.04
N ASP A 432 5.37 4.44 -5.75
CA ASP A 432 6.71 4.08 -6.27
C ASP A 432 7.20 5.15 -7.23
N LEU A 433 6.31 5.62 -8.09
CA LEU A 433 6.71 6.67 -9.00
C LEU A 433 7.14 7.92 -8.28
N VAL A 434 6.42 8.29 -7.22
CA VAL A 434 6.80 9.51 -6.50
C VAL A 434 8.16 9.36 -5.79
N ARG A 435 8.34 8.26 -5.05
CA ARG A 435 9.54 8.15 -4.23
C ARG A 435 10.79 7.90 -5.07
N THR A 436 10.62 7.48 -6.31
CA THR A 436 11.77 7.29 -7.22
C THR A 436 11.96 8.50 -8.12
N GLY A 437 11.05 9.48 -8.10
CA GLY A 437 11.14 10.60 -9.04
C GLY A 437 10.69 10.22 -10.46
N LYS A 438 10.22 9.03 -10.64
CA LYS A 438 9.86 8.57 -11.98
C LYS A 438 8.52 9.13 -12.41
N VAL A 439 7.76 9.73 -11.49
CA VAL A 439 6.45 10.30 -11.79
C VAL A 439 6.52 11.45 -12.77
N TYR A 440 7.71 12.05 -12.91
CA TYR A 440 7.87 13.14 -13.88
C TYR A 440 8.76 12.72 -15.03
N ASN A 441 8.90 11.42 -15.29
CA ASN A 441 9.75 10.90 -16.34
C ASN A 441 8.94 10.03 -17.28
N ARG A 442 8.74 10.50 -18.52
N ARG A 442 8.74 10.50 -18.52
CA ARG A 442 7.93 9.77 -19.48
CA ARG A 442 7.94 9.77 -19.50
C ARG A 442 8.50 8.40 -19.87
C ARG A 442 8.50 8.39 -19.85
N ASN A 443 9.79 8.17 -19.59
CA ASN A 443 10.39 6.86 -19.83
C ASN A 443 9.85 5.76 -18.90
N TYR A 444 9.24 6.19 -17.79
CA TYR A 444 8.76 5.26 -16.74
C TYR A 444 7.28 5.43 -16.40
N CYS A 445 6.64 6.50 -16.83
CA CYS A 445 5.26 6.80 -16.52
C CYS A 445 4.61 7.33 -17.78
N MSE A 446 3.50 6.75 -18.20
N MSE A 446 3.50 6.75 -18.18
CA MSE A 446 2.84 7.14 -19.45
CA MSE A 446 2.83 7.10 -19.44
C MSE A 446 2.10 8.47 -19.29
C MSE A 446 2.00 8.38 -19.30
O MSE A 446 1.93 9.22 -20.25
O MSE A 446 1.61 8.98 -20.30
CB MSE A 446 1.84 6.05 -19.84
CB MSE A 446 1.93 5.96 -19.90
CG MSE A 446 1.18 6.29 -21.19
CG MSE A 446 2.56 4.57 -19.88
SE MSE A 446 0.39 4.67 -22.00
SE MSE A 446 4.11 4.34 -21.02
CE MSE A 446 1.60 4.47 -23.34
CE MSE A 446 5.58 4.36 -19.74
N ASN A 447 1.71 8.77 -18.05
CA ASN A 447 0.91 9.97 -17.76
C ASN A 447 1.68 10.80 -16.71
N PRO A 448 2.89 11.25 -17.05
CA PRO A 448 3.74 11.90 -16.06
C PRO A 448 3.23 13.29 -15.71
N MSE A 449 3.65 13.81 -14.56
CA MSE A 449 3.53 15.23 -14.30
C MSE A 449 4.86 15.88 -14.66
O MSE A 449 5.86 15.18 -14.92
CB MSE A 449 3.17 15.50 -12.82
CG MSE A 449 4.25 15.15 -11.81
SE MSE A 449 3.71 15.30 -9.96
CE MSE A 449 2.48 13.81 -9.84
N THR A 450 4.95 17.20 -14.62
CA THR A 450 6.23 17.84 -14.86
C THR A 450 7.08 17.88 -13.60
N ARG A 451 8.40 17.98 -13.76
CA ARG A 451 9.26 18.00 -12.61
C ARG A 451 9.03 19.28 -11.79
N THR A 452 8.81 20.40 -12.46
CA THR A 452 8.55 21.65 -11.74
C THR A 452 7.29 21.49 -10.88
N ASN A 453 6.25 20.92 -11.46
CA ASN A 453 5.00 20.72 -10.70
C ASN A 453 5.23 19.78 -9.54
N PHE A 454 5.96 18.72 -9.77
CA PHE A 454 6.39 17.86 -8.64
C PHE A 454 7.05 18.67 -7.57
N ASN A 455 7.99 19.52 -7.95
CA ASN A 455 8.78 20.28 -7.00
C ASN A 455 7.96 21.24 -6.15
N VAL A 456 6.82 21.67 -6.66
CA VAL A 456 5.92 22.55 -5.91
C VAL A 456 4.73 21.77 -5.32
N GLY A 457 4.82 20.46 -5.24
CA GLY A 457 3.84 19.70 -4.48
C GLY A 457 2.69 19.13 -5.27
N ALA A 458 2.79 19.07 -6.59
CA ALA A 458 1.73 18.47 -7.40
C ALA A 458 1.57 16.97 -7.23
N TRP A 459 2.47 16.32 -6.49
CA TRP A 459 2.30 14.89 -6.17
C TRP A 459 1.38 14.67 -4.95
N THR A 460 1.03 15.74 -4.22
CA THR A 460 0.17 15.61 -3.04
C THR A 460 -1.30 15.66 -3.44
N TRP A 461 -2.17 15.17 -2.56
CA TRP A 461 -3.60 15.43 -2.60
C TRP A 461 -3.91 16.82 -2.07
N PRO A 462 -4.96 17.47 -2.62
CA PRO A 462 -5.48 18.63 -1.95
C PRO A 462 -5.89 18.29 -0.53
N ILE A 463 -5.76 19.25 0.36
CA ILE A 463 -6.25 19.13 1.74
C ILE A 463 -7.64 19.77 1.79
N HIS A 464 -8.64 18.98 2.18
CA HIS A 464 -10.01 19.47 2.29
C HIS A 464 -10.14 20.55 3.36
N ARG A 465 -11.03 21.49 3.11
CA ARG A 465 -11.27 22.58 4.08
C ARG A 465 -11.65 22.09 5.47
N ASN A 466 -12.26 20.92 5.60
CA ASN A 466 -12.60 20.41 6.92
C ASN A 466 -11.37 20.31 7.82
N ALA A 467 -10.20 20.12 7.22
CA ALA A 467 -8.98 20.04 8.01
C ALA A 467 -8.65 21.36 8.66
N LEU A 468 -9.08 22.47 8.04
CA LEU A 468 -8.84 23.81 8.57
C LEU A 468 -9.79 24.18 9.68
N LYS A 469 -10.97 23.59 9.70
CA LYS A 469 -11.93 23.85 10.75
C LYS A 469 -11.29 23.22 11.97
N ASN A 470 -10.88 21.97 11.81
CA ASN A 470 -10.35 21.16 12.92
C ASN A 470 -9.05 21.67 13.52
N ASN A 471 -8.33 22.53 12.79
CA ASN A 471 -7.00 23.01 13.20
C ASN A 471 -6.62 24.31 12.48
N THR A 472 -6.57 25.42 13.20
CA THR A 472 -6.34 26.75 12.57
C THR A 472 -4.90 27.03 12.11
N GLN A 473 -3.98 26.12 12.42
CA GLN A 473 -2.57 26.34 12.10
C GLN A 473 -2.15 25.65 10.80
N ILE A 474 -3.13 25.06 10.11
CA ILE A 474 -2.91 24.23 8.90
C ILE A 474 -2.91 25.09 7.62
N GLY A 475 -1.85 25.03 6.82
CA GLY A 475 -1.85 25.60 5.51
C GLY A 475 -2.18 24.54 4.46
N LEU A 476 -2.78 24.94 3.35
CA LEU A 476 -3.19 23.96 2.37
C LEU A 476 -2.03 23.49 1.48
N ASN A 477 -2.33 22.52 0.60
CA ASN A 477 -1.39 22.11 -0.41
C ASN A 477 -1.57 23.05 -1.61
N LEU A 478 -0.63 23.98 -1.73
CA LEU A 478 -0.85 25.19 -2.52
C LEU A 478 -0.85 24.98 -4.02
N PHE A 479 -0.30 23.86 -4.51
CA PHE A 479 -0.40 23.63 -5.92
C PHE A 479 -1.86 23.62 -6.38
N TRP A 480 -2.75 23.19 -5.49
CA TRP A 480 -4.16 23.01 -5.84
C TRP A 480 -5.00 24.25 -5.52
N GLU A 481 -4.36 25.34 -5.11
CA GLU A 481 -5.03 26.55 -4.63
C GLU A 481 -4.72 27.74 -5.50
CL CL B . 6.44 -3.41 -1.18
C1 EDO C . -4.82 16.41 13.57
O1 EDO C . -6.14 16.12 14.05
C2 EDO C . -4.95 17.26 12.34
O2 EDO C . -5.10 18.64 12.75
C1 EDO D . 5.23 18.88 1.26
O1 EDO D . 3.96 19.17 1.89
C2 EDO D . 5.08 18.63 -0.22
O2 EDO D . 4.66 19.77 -0.96
C1 EDO E . 18.11 -2.02 10.57
O1 EDO E . 17.46 -2.11 11.84
C2 EDO E . 18.08 -0.58 10.06
O2 EDO E . 16.85 0.01 10.45
C1 EDO F . -17.33 -2.14 -8.40
O1 EDO F . -17.95 -2.70 -9.52
C2 EDO F . -16.92 -0.67 -8.47
O2 EDO F . -16.69 -0.22 -9.79
C1 EDO G . 14.15 -19.17 -7.10
O1 EDO G . 13.76 -19.16 -5.73
C2 EDO G . 14.80 -17.83 -7.35
O2 EDO G . 16.01 -17.94 -8.04
#